data_3LUL
#
_entry.id   3LUL
#
_cell.length_a   85.008
_cell.length_b   98.498
_cell.length_c   64.599
_cell.angle_alpha   90.000
_cell.angle_beta   90.000
_cell.angle_gamma   90.000
#
_symmetry.space_group_name_H-M   'P 21 21 2'
#
loop_
_entity.id
_entity.type
_entity.pdbx_description
1 polymer '4-amino-4-deoxychorismate lyase'
2 non-polymer 1,2-ETHANEDIOL
3 non-polymer 'PHOSPHATE ION'
4 water water
#
_entity_poly.entity_id   1
_entity_poly.type   'polypeptide(L)'
_entity_poly.pdbx_seq_one_letter_code
;G(MSE)PTRVIEDKGD(MSE)TPSFGIDDRIFLGEGLFETIRVNSSKPSFAY(MSE)HWERLGNSARQLGIPFEISFDDW
FEHLIQKIQKDNLYHGGIKAILSGGPASRGLAERGQVSQLIFQTFNYSIQKHPVRLISINWLRDKANPLYQL(LLP)SVN
YLEAIIAQRQAIAVGADDALFFNTENHVTETTCANLFLIENNILYTPRVEDGILPGITRARLISHCQQHK(MSE)SVQEI
SLTKKRIEDADAVFLTNSLQGIRRVLSLDNIIFEVNHPIIDKLIFLLNQDES
;
_entity_poly.pdbx_strand_id   A,B
#
# COMPACT_ATOMS: atom_id res chain seq x y z
N PRO A 3 -12.34 15.53 16.67
CA PRO A 3 -11.15 14.91 16.09
C PRO A 3 -11.29 14.47 14.60
N THR A 4 -12.35 14.89 13.91
CA THR A 4 -12.51 14.66 12.44
C THR A 4 -12.96 15.96 11.74
N ARG A 5 -12.15 16.44 10.82
CA ARG A 5 -12.44 17.70 10.15
C ARG A 5 -12.78 17.46 8.68
N VAL A 6 -13.91 17.99 8.22
CA VAL A 6 -14.20 18.04 6.76
C VAL A 6 -13.51 19.24 6.10
N ILE A 7 -12.70 18.96 5.09
CA ILE A 7 -12.05 19.99 4.32
C ILE A 7 -13.00 20.33 3.18
N GLU A 8 -13.47 21.57 3.19
CA GLU A 8 -14.47 22.06 2.24
C GLU A 8 -13.75 22.81 1.11
N ASP A 9 -14.48 23.13 0.04
CA ASP A 9 -13.95 23.99 -1.04
C ASP A 9 -13.68 25.42 -0.50
N LYS A 10 -12.65 26.11 -1.00
CA LYS A 10 -12.35 27.50 -0.60
C LYS A 10 -11.47 28.26 -1.59
N THR A 14 -11.11 23.68 -5.21
CA THR A 14 -10.92 22.28 -4.72
C THR A 14 -9.96 22.06 -3.52
N PRO A 15 -10.39 21.32 -2.48
CA PRO A 15 -9.51 21.08 -1.31
C PRO A 15 -8.46 19.96 -1.50
N SER A 16 -7.40 19.97 -0.71
CA SER A 16 -6.51 18.79 -0.63
C SER A 16 -5.83 18.62 0.73
N PHE A 17 -5.01 17.59 0.80
CA PHE A 17 -4.33 17.22 2.03
C PHE A 17 -2.94 17.84 2.04
N GLY A 18 -2.46 18.29 3.19
CA GLY A 18 -1.12 18.83 3.33
C GLY A 18 -0.02 17.79 3.34
N ILE A 19 1.21 18.22 3.07
CA ILE A 19 2.32 17.29 2.83
C ILE A 19 2.72 16.53 4.10
N ASP A 20 2.40 17.10 5.28
CA ASP A 20 2.55 16.44 6.58
CA ASP A 20 2.57 16.42 6.58
C ASP A 20 1.45 15.41 6.91
N ASP A 21 0.44 15.30 6.05
CA ASP A 21 -0.66 14.33 6.32
C ASP A 21 -0.19 12.87 6.13
N ARG A 22 -0.60 12.00 7.05
CA ARG A 22 -0.18 10.61 7.02
C ARG A 22 -0.77 9.78 5.88
N ILE A 23 -1.69 10.37 5.12
CA ILE A 23 -2.16 9.75 3.88
C ILE A 23 -0.98 9.48 2.90
N PHE A 24 0.06 10.29 2.95
CA PHE A 24 1.22 10.10 2.07
C PHE A 24 2.15 8.95 2.48
N LEU A 25 1.87 8.34 3.63
CA LEU A 25 2.40 7.06 4.08
C LEU A 25 1.44 5.88 3.84
N GLY A 26 0.28 6.16 3.26
CA GLY A 26 -0.73 5.14 3.04
C GLY A 26 -1.83 5.07 4.09
N GLU A 27 -1.79 5.98 5.07
CA GLU A 27 -2.83 6.00 6.11
C GLU A 27 -4.04 6.81 5.67
N GLY A 28 -4.84 6.16 4.83
CA GLY A 28 -6.04 6.72 4.28
C GLY A 28 -7.01 5.66 3.86
N LEU A 29 -8.28 5.98 4.01
CA LEU A 29 -9.38 5.10 3.67
C LEU A 29 -10.31 5.84 2.72
N PHE A 30 -11.06 5.08 1.92
CA PHE A 30 -12.03 5.67 1.01
C PHE A 30 -13.33 4.87 0.87
N GLU A 31 -14.38 5.58 0.42
CA GLU A 31 -15.62 4.97 0.02
C GLU A 31 -16.01 5.58 -1.30
N THR A 32 -16.55 4.76 -2.19
CA THR A 32 -17.05 5.18 -3.49
C THR A 32 -18.54 4.88 -3.53
N ILE A 33 -19.33 5.96 -3.62
CA ILE A 33 -20.77 5.92 -3.46
C ILE A 33 -21.43 6.29 -4.79
N ARG A 34 -22.30 5.42 -5.28
CA ARG A 34 -23.03 5.71 -6.50
CA ARG A 34 -23.03 5.71 -6.50
C ARG A 34 -24.13 6.72 -6.20
N VAL A 35 -24.38 7.63 -7.17
CA VAL A 35 -25.45 8.63 -7.04
C VAL A 35 -26.37 8.45 -8.26
N ASN A 36 -27.67 8.35 -8.00
CA ASN A 36 -28.70 8.06 -9.01
C ASN A 36 -29.79 9.09 -8.84
N SER A 37 -30.02 9.88 -9.89
CA SER A 37 -30.98 10.93 -9.90
C SER A 37 -30.82 11.86 -8.69
N SER A 38 -29.57 12.19 -8.35
CA SER A 38 -29.17 13.09 -7.27
C SER A 38 -29.22 12.46 -5.87
N LYS A 39 -29.53 11.17 -5.74
CA LYS A 39 -29.63 10.53 -4.41
C LYS A 39 -28.48 9.55 -4.24
N PRO A 40 -27.72 9.69 -3.16
CA PRO A 40 -26.68 8.67 -2.94
C PRO A 40 -27.29 7.34 -2.58
N SER A 41 -26.68 6.28 -3.06
CA SER A 41 -27.14 4.91 -2.92
CA SER A 41 -27.20 4.94 -2.85
C SER A 41 -26.45 4.30 -1.68
N PHE A 42 -27.22 3.71 -0.77
CA PHE A 42 -26.65 3.00 0.40
C PHE A 42 -25.65 3.80 1.24
N ALA A 43 -26.01 5.06 1.51
CA ALA A 43 -25.12 5.97 2.21
C ALA A 43 -24.78 5.41 3.56
N TYR A 44 -25.76 4.76 4.22
CA TYR A 44 -25.53 4.21 5.55
C TYR A 44 -24.51 3.09 5.54
N HIS A 46 -22.12 2.53 3.47
CA HIS A 46 -20.82 3.17 3.21
C HIS A 46 -20.22 3.84 4.44
N TRP A 47 -21.05 4.59 5.17
CA TRP A 47 -20.64 5.20 6.42
C TRP A 47 -20.24 4.16 7.48
N GLU A 48 -21.01 3.10 7.56
CA GLU A 48 -20.76 2.03 8.52
C GLU A 48 -19.41 1.36 8.29
N ARG A 49 -19.15 1.01 7.04
CA ARG A 49 -17.87 0.40 6.69
C ARG A 49 -16.68 1.30 6.95
N LEU A 50 -16.75 2.54 6.48
CA LEU A 50 -15.67 3.49 6.69
C LEU A 50 -15.39 3.66 8.19
N GLY A 51 -16.46 3.78 8.99
CA GLY A 51 -16.31 3.92 10.46
C GLY A 51 -15.66 2.70 11.11
N ASN A 52 -16.09 1.52 10.68
CA ASN A 52 -15.52 0.25 11.16
C ASN A 52 -14.03 0.15 10.86
N SER A 53 -13.67 0.45 9.63
CA SER A 53 -12.26 0.53 9.22
C SER A 53 -11.43 1.61 9.95
N ALA A 54 -11.98 2.81 10.13
CA ALA A 54 -11.28 3.88 10.81
C ALA A 54 -11.00 3.44 12.25
N ARG A 55 -12.01 2.83 12.88
CA ARG A 55 -11.86 2.29 14.25
C ARG A 55 -10.76 1.23 14.34
N GLN A 56 -10.74 0.30 13.39
CA GLN A 56 -9.66 -0.68 13.31
C GLN A 56 -8.27 -0.04 13.23
N LEU A 57 -8.13 1.08 12.50
CA LEU A 57 -6.83 1.73 12.27
C LEU A 57 -6.51 2.83 13.32
N GLY A 58 -7.40 3.00 14.28
CA GLY A 58 -7.28 4.11 15.22
C GLY A 58 -7.39 5.51 14.66
N ILE A 59 -7.94 5.68 13.46
CA ILE A 59 -8.21 6.99 12.88
C ILE A 59 -9.54 7.50 13.41
N PRO A 60 -9.56 8.72 13.99
CA PRO A 60 -10.84 9.24 14.48
C PRO A 60 -11.87 9.37 13.37
N PHE A 61 -13.11 8.97 13.65
CA PHE A 61 -14.21 9.15 12.72
C PHE A 61 -15.45 9.54 13.53
N GLU A 62 -15.41 10.76 13.98
CA GLU A 62 -16.48 11.38 14.78
CA GLU A 62 -16.51 11.32 14.77
C GLU A 62 -17.34 12.17 13.83
N ILE A 63 -18.08 11.46 13.01
CA ILE A 63 -19.02 12.03 12.05
CA ILE A 63 -19.06 12.09 12.16
C ILE A 63 -20.28 11.19 12.24
N SER A 64 -21.39 11.80 12.60
CA SER A 64 -22.63 11.04 12.75
C SER A 64 -23.12 10.67 11.38
N PHE A 65 -23.98 9.68 11.30
CA PHE A 65 -24.55 9.35 10.00
C PHE A 65 -25.27 10.58 9.41
N ASP A 66 -26.01 11.31 10.24
CA ASP A 66 -26.74 12.48 9.71
C ASP A 66 -25.84 13.51 9.13
N ASP A 67 -24.72 13.76 9.81
CA ASP A 67 -23.73 14.69 9.32
C ASP A 67 -23.13 14.22 7.98
N TRP A 68 -22.78 12.93 7.94
CA TRP A 68 -22.27 12.29 6.73
C TRP A 68 -23.22 12.48 5.56
N PHE A 69 -24.49 12.17 5.79
CA PHE A 69 -25.49 12.28 4.72
C PHE A 69 -25.64 13.73 4.26
N GLU A 70 -25.69 14.64 5.21
CA GLU A 70 -25.77 16.06 4.88
C GLU A 70 -24.59 16.49 4.02
N HIS A 71 -23.39 16.05 4.36
CA HIS A 71 -22.22 16.37 3.51
C HIS A 71 -22.36 15.85 2.09
N LEU A 72 -22.85 14.62 1.94
CA LEU A 72 -23.08 14.04 0.62
C LEU A 72 -24.06 14.85 -0.21
N ILE A 73 -25.20 15.18 0.38
CA ILE A 73 -26.24 15.92 -0.35
C ILE A 73 -25.76 17.32 -0.73
N GLN A 74 -25.04 17.98 0.18
CA GLN A 74 -24.51 19.32 -0.11
C GLN A 74 -23.53 19.32 -1.28
N LYS A 75 -22.73 18.27 -1.34
CA LYS A 75 -21.77 18.15 -2.40
C LYS A 75 -22.48 17.84 -3.73
N ILE A 76 -23.48 16.96 -3.72
CA ILE A 76 -24.28 16.64 -4.90
C ILE A 76 -24.90 17.89 -5.47
N GLN A 77 -25.53 18.67 -4.60
CA GLN A 77 -26.11 19.94 -4.99
C GLN A 77 -25.13 20.96 -5.57
N LYS A 78 -24.05 21.18 -4.84
CA LYS A 78 -23.04 22.17 -5.23
C LYS A 78 -22.44 21.86 -6.60
N ASP A 79 -22.18 20.59 -6.86
CA ASP A 79 -21.60 20.15 -8.13
C ASP A 79 -22.59 19.79 -9.24
N ASN A 80 -23.89 19.95 -9.01
CA ASN A 80 -24.90 19.55 -9.97
C ASN A 80 -24.81 18.11 -10.41
N LEU A 81 -24.50 17.23 -9.46
CA LEU A 81 -24.42 15.83 -9.75
C LEU A 81 -25.81 15.22 -9.79
N TYR A 82 -26.13 14.57 -10.90
CA TYR A 82 -27.37 13.83 -11.05
C TYR A 82 -27.15 12.32 -11.10
N HIS A 83 -26.40 11.86 -12.12
CA HIS A 83 -25.92 10.48 -12.18
C HIS A 83 -24.41 10.50 -12.10
N GLY A 84 -23.84 9.74 -11.19
CA GLY A 84 -22.39 9.64 -11.10
C GLY A 84 -21.98 9.08 -9.79
N GLY A 85 -20.89 9.59 -9.26
CA GLY A 85 -20.34 9.05 -8.04
C GLY A 85 -19.81 10.13 -7.13
N ILE A 86 -19.68 9.75 -5.84
CA ILE A 86 -19.00 10.56 -4.83
CA ILE A 86 -18.97 10.57 -4.90
C ILE A 86 -17.94 9.69 -4.14
N LYS A 87 -16.71 10.18 -4.10
CA LYS A 87 -15.61 9.52 -3.38
C LYS A 87 -15.35 10.30 -2.10
N ALA A 88 -15.32 9.60 -0.97
CA ALA A 88 -15.02 10.18 0.35
C ALA A 88 -13.64 9.62 0.70
N ILE A 89 -12.69 10.49 1.03
CA ILE A 89 -11.37 10.09 1.46
C ILE A 89 -11.13 10.61 2.88
N LEU A 90 -10.79 9.67 3.78
CA LEU A 90 -10.51 9.97 5.19
C LEU A 90 -9.03 9.74 5.40
N SER A 91 -8.29 10.78 5.79
CA SER A 91 -6.87 10.66 6.02
C SER A 91 -6.61 10.56 7.49
N GLY A 92 -5.48 9.96 7.83
CA GLY A 92 -5.01 9.94 9.20
C GLY A 92 -4.74 11.35 9.70
N GLY A 93 -4.37 12.26 8.80
CA GLY A 93 -4.23 13.68 9.13
C GLY A 93 -2.79 14.07 9.43
N PRO A 94 -2.55 15.36 9.61
CA PRO A 94 -1.23 15.85 9.95
C PRO A 94 -0.72 15.24 11.24
N ALA A 95 0.56 14.96 11.28
CA ALA A 95 1.17 14.43 12.48
C ALA A 95 2.65 14.69 12.40
N SER A 96 3.32 14.64 13.56
CA SER A 96 4.77 14.69 13.62
CA SER A 96 4.78 14.72 13.59
C SER A 96 5.37 13.48 12.90
N ARG A 97 6.64 13.59 12.53
CA ARG A 97 7.33 12.53 11.78
C ARG A 97 7.46 11.22 12.55
N GLY A 98 7.23 10.10 11.88
CA GLY A 98 7.44 8.76 12.43
C GLY A 98 6.34 7.82 11.94
N LEU A 99 6.71 6.59 11.63
CA LEU A 99 5.75 5.64 11.04
C LEU A 99 4.60 5.31 12.01
N ALA A 100 4.90 5.19 13.30
CA ALA A 100 3.85 4.86 14.27
C ALA A 100 3.26 6.08 14.97
N GLU A 101 3.57 7.31 14.53
CA GLU A 101 2.88 8.50 15.06
C GLU A 101 1.39 8.41 14.73
N ARG A 102 0.61 9.32 15.28
CA ARG A 102 -0.85 9.26 15.16
C ARG A 102 -1.40 10.65 14.87
N GLY A 103 -2.29 10.73 13.88
CA GLY A 103 -3.01 11.97 13.61
C GLY A 103 -4.06 12.23 14.69
N GLN A 104 -3.95 13.38 15.35
CA GLN A 104 -4.94 13.78 16.35
C GLN A 104 -6.29 14.14 15.73
N VAL A 105 -6.23 14.67 14.50
CA VAL A 105 -7.44 15.09 13.80
C VAL A 105 -7.41 14.55 12.37
N SER A 106 -8.31 13.61 12.11
CA SER A 106 -8.43 13.03 10.80
C SER A 106 -9.10 14.08 9.85
N GLN A 107 -8.90 13.94 8.55
CA GLN A 107 -9.40 14.91 7.59
C GLN A 107 -10.26 14.16 6.61
N LEU A 108 -11.38 14.76 6.20
CA LEU A 108 -12.33 14.09 5.31
C LEU A 108 -12.62 15.00 4.14
N ILE A 109 -12.54 14.45 2.93
CA ILE A 109 -12.77 15.25 1.70
C ILE A 109 -13.74 14.44 0.82
N PHE A 110 -14.69 15.13 0.22
CA PHE A 110 -15.64 14.50 -0.67
C PHE A 110 -15.41 15.09 -2.05
N GLN A 111 -15.44 14.24 -3.07
CA GLN A 111 -15.32 14.73 -4.47
C GLN A 111 -16.32 13.99 -5.35
N THR A 112 -16.95 14.73 -6.25
CA THR A 112 -17.93 14.08 -7.15
C THR A 112 -17.25 13.84 -8.47
N PHE A 113 -17.87 12.98 -9.26
CA PHE A 113 -17.37 12.65 -10.59
C PHE A 113 -18.49 12.05 -11.42
N ASN A 114 -18.43 12.26 -12.74
CA ASN A 114 -19.22 11.46 -13.64
C ASN A 114 -18.42 10.25 -14.00
N TYR A 115 -19.12 9.19 -14.38
CA TYR A 115 -18.41 7.98 -14.83
C TYR A 115 -19.26 7.23 -15.84
N SER A 116 -18.62 6.33 -16.58
CA SER A 116 -19.34 5.58 -17.61
CA SER A 116 -19.31 5.55 -17.61
C SER A 116 -19.61 4.15 -17.14
N ILE A 117 -20.79 3.65 -17.52
CA ILE A 117 -21.23 2.31 -17.17
C ILE A 117 -20.78 1.39 -18.30
N GLN A 118 -20.06 0.34 -17.94
CA GLN A 118 -19.49 -0.60 -18.91
C GLN A 118 -20.20 -1.91 -18.71
N LYS A 119 -20.82 -2.41 -19.75
CA LYS A 119 -21.66 -3.59 -19.68
C LYS A 119 -21.06 -4.81 -20.40
N HIS A 120 -19.99 -4.64 -21.17
CA HIS A 120 -19.40 -5.79 -21.86
C HIS A 120 -18.86 -6.81 -20.84
N PRO A 121 -19.11 -8.11 -21.09
CA PRO A 121 -18.57 -9.14 -20.24
C PRO A 121 -17.02 -9.01 -20.25
N VAL A 122 -16.42 -9.13 -19.08
CA VAL A 122 -14.99 -8.88 -18.94
C VAL A 122 -14.16 -10.12 -19.11
N ARG A 123 -12.93 -9.90 -19.51
CA ARG A 123 -11.89 -10.95 -19.56
C ARG A 123 -10.96 -10.69 -18.38
N LEU A 124 -10.73 -11.73 -17.60
CA LEU A 124 -9.82 -11.67 -16.45
C LEU A 124 -8.51 -12.42 -16.70
N ILE A 125 -7.44 -12.00 -16.02
CA ILE A 125 -6.22 -12.81 -15.89
C ILE A 125 -5.99 -13.11 -14.41
N SER A 126 -5.36 -14.24 -14.12
CA SER A 126 -4.94 -14.58 -12.78
C SER A 126 -3.60 -13.95 -12.46
N ILE A 127 -3.45 -13.38 -11.28
CA ILE A 127 -2.19 -12.75 -10.89
C ILE A 127 -1.34 -13.82 -10.23
N ASN A 128 -0.05 -13.79 -10.52
CA ASN A 128 0.88 -14.82 -10.06
C ASN A 128 1.26 -14.71 -8.58
N TRP A 129 1.39 -13.50 -8.07
CA TRP A 129 1.72 -13.36 -6.65
C TRP A 129 0.49 -13.53 -5.78
N LEU A 130 0.72 -14.09 -4.60
CA LEU A 130 -0.35 -14.45 -3.67
C LEU A 130 -0.38 -13.53 -2.46
N ARG A 131 -1.56 -13.35 -1.85
CA ARG A 131 -1.78 -12.58 -0.64
C ARG A 131 -2.07 -13.48 0.58
N ASP A 132 -1.47 -13.17 1.73
CA ASP A 132 -1.82 -13.87 2.96
C ASP A 132 -3.17 -13.33 3.42
N LYS A 133 -4.10 -14.25 3.68
CA LYS A 133 -5.41 -13.85 4.20
C LYS A 133 -5.33 -13.15 5.56
N ALA A 134 -4.27 -13.41 6.33
CA ALA A 134 -4.00 -12.77 7.60
C ALA A 134 -3.40 -11.35 7.49
N ASN A 135 -3.12 -10.87 6.30
CA ASN A 135 -2.61 -9.51 6.12
C ASN A 135 -3.81 -8.58 6.15
N PRO A 136 -3.90 -7.69 7.15
CA PRO A 136 -5.10 -6.89 7.36
C PRO A 136 -5.39 -5.90 6.27
N LEU A 137 -4.41 -5.57 5.46
CA LEU A 137 -4.58 -4.60 4.38
CA LEU A 137 -4.60 -4.58 4.41
C LEU A 137 -5.75 -4.94 3.48
N TYR A 138 -5.90 -6.23 3.16
CA TYR A 138 -6.81 -6.65 2.11
C TYR A 138 -8.30 -6.61 2.46
N GLN A 139 -8.62 -6.36 3.72
CA GLN A 139 -10.01 -6.17 4.14
C GLN A 139 -10.38 -4.69 4.33
N LEU A 140 -9.42 -3.78 4.05
CA LEU A 140 -9.59 -2.32 4.15
C LEU A 140 -9.64 -1.66 2.77
N SER A 142 -8.47 1.04 1.38
CA SER A 142 -7.43 2.05 1.66
C SER A 142 -6.90 2.69 0.40
N VAL A 143 -6.06 3.70 0.59
CA VAL A 143 -5.36 4.37 -0.53
C VAL A 143 -4.18 3.57 -1.06
N ASN A 144 -3.94 2.40 -0.49
CA ASN A 144 -2.77 1.59 -0.86
C ASN A 144 -3.07 0.66 -2.02
N TYR A 145 -3.39 1.24 -3.19
CA TYR A 145 -3.81 0.46 -4.36
C TYR A 145 -2.77 0.26 -5.47
N LEU A 146 -1.48 0.41 -5.15
CA LEU A 146 -0.45 0.19 -6.16
C LEU A 146 -0.41 -1.26 -6.68
N GLU A 147 -0.60 -2.22 -5.78
CA GLU A 147 -0.74 -3.62 -6.19
C GLU A 147 -1.81 -3.78 -7.25
N ALA A 148 -2.99 -3.20 -7.02
CA ALA A 148 -4.08 -3.26 -7.96
C ALA A 148 -3.77 -2.55 -9.27
N ILE A 149 -3.15 -1.36 -9.20
CA ILE A 149 -2.69 -0.65 -10.41
C ILE A 149 -1.75 -1.51 -11.31
N ILE A 150 -0.74 -2.11 -10.72
CA ILE A 150 0.22 -2.94 -11.43
C ILE A 150 -0.51 -4.12 -12.09
N ALA A 151 -1.38 -4.76 -11.31
CA ALA A 151 -2.17 -5.90 -11.79
C ALA A 151 -3.05 -5.52 -12.96
N GLN A 152 -3.77 -4.41 -12.82
CA GLN A 152 -4.66 -3.91 -13.87
CA GLN A 152 -4.66 -4.03 -13.92
C GLN A 152 -3.88 -3.60 -15.17
N ARG A 153 -2.71 -3.00 -15.00
CA ARG A 153 -1.84 -2.70 -16.16
C ARG A 153 -1.40 -3.99 -16.88
N GLN A 154 -1.10 -5.05 -16.12
CA GLN A 154 -0.77 -6.36 -16.69
C GLN A 154 -1.95 -6.91 -17.47
N ALA A 155 -3.17 -6.73 -16.93
CA ALA A 155 -4.38 -7.23 -17.59
C ALA A 155 -4.58 -6.51 -18.94
N ILE A 156 -4.48 -5.18 -18.92
CA ILE A 156 -4.65 -4.35 -20.13
C ILE A 156 -3.59 -4.68 -21.18
N ALA A 157 -2.36 -4.97 -20.74
CA ALA A 157 -1.25 -5.29 -21.66
C ALA A 157 -1.55 -6.48 -22.56
N VAL A 158 -2.31 -7.45 -22.05
CA VAL A 158 -2.68 -8.64 -22.86
C VAL A 158 -4.13 -8.59 -23.36
N GLY A 159 -4.78 -7.43 -23.31
CA GLY A 159 -6.13 -7.25 -23.83
C GLY A 159 -7.25 -7.73 -22.92
N ALA A 160 -6.94 -7.94 -21.63
CA ALA A 160 -7.92 -8.28 -20.61
C ALA A 160 -8.38 -7.00 -19.93
N ASP A 161 -9.45 -7.12 -19.17
CA ASP A 161 -10.09 -5.97 -18.56
C ASP A 161 -9.70 -5.82 -17.08
N ASP A 162 -9.41 -6.92 -16.41
CA ASP A 162 -9.23 -6.86 -14.95
C ASP A 162 -8.40 -8.07 -14.55
N ALA A 163 -7.91 -8.06 -13.33
CA ALA A 163 -6.99 -9.07 -12.81
C ALA A 163 -7.59 -9.65 -11.53
N LEU A 164 -7.49 -10.98 -11.38
CA LEU A 164 -8.02 -11.74 -10.25
C LEU A 164 -6.89 -12.22 -9.32
N PHE A 165 -7.04 -11.92 -8.04
CA PHE A 165 -6.05 -12.25 -7.03
C PHE A 165 -6.45 -13.53 -6.29
N PHE A 166 -5.44 -14.25 -5.82
CA PHE A 166 -5.54 -15.45 -5.01
C PHE A 166 -4.74 -15.27 -3.75
N ASN A 167 -5.15 -15.98 -2.71
CA ASN A 167 -4.45 -15.98 -1.44
C ASN A 167 -3.40 -17.09 -1.36
N THR A 168 -2.63 -17.10 -0.27
CA THR A 168 -1.56 -18.08 -0.10
C THR A 168 -2.06 -19.50 0.22
N GLU A 169 -3.35 -19.67 0.44
CA GLU A 169 -3.95 -21.00 0.48
C GLU A 169 -4.54 -21.38 -0.90
N ASN A 170 -4.13 -20.68 -1.96
CA ASN A 170 -4.62 -20.87 -3.34
C ASN A 170 -6.15 -20.77 -3.52
N HIS A 171 -6.75 -19.86 -2.77
CA HIS A 171 -8.16 -19.57 -2.85
C HIS A 171 -8.38 -18.20 -3.50
N VAL A 172 -9.42 -18.11 -4.32
CA VAL A 172 -9.83 -16.86 -4.97
C VAL A 172 -10.16 -15.84 -3.92
N THR A 173 -9.78 -14.58 -4.15
CA THR A 173 -10.21 -13.50 -3.30
C THR A 173 -11.14 -12.55 -4.12
N GLU A 174 -10.55 -11.65 -4.89
CA GLU A 174 -11.30 -10.57 -5.52
C GLU A 174 -10.48 -10.02 -6.67
N THR A 175 -11.07 -9.09 -7.45
CA THR A 175 -10.29 -8.46 -8.52
C THR A 175 -9.64 -7.16 -8.01
N THR A 176 -9.26 -6.28 -8.93
CA THR A 176 -8.69 -5.01 -8.56
C THR A 176 -9.71 -4.01 -8.07
N CYS A 177 -11.01 -4.31 -8.23
CA CYS A 177 -12.07 -3.36 -7.95
C CYS A 177 -13.43 -3.96 -7.67
N ALA A 178 -13.54 -5.28 -7.55
CA ALA A 178 -14.83 -5.94 -7.46
C ALA A 178 -14.73 -7.28 -6.77
N ASN A 179 -15.80 -7.66 -6.08
CA ASN A 179 -15.91 -9.04 -5.57
C ASN A 179 -16.32 -10.02 -6.68
N LEU A 180 -16.09 -11.30 -6.44
CA LEU A 180 -16.39 -12.37 -7.40
C LEU A 180 -17.43 -13.34 -6.89
N PHE A 181 -18.33 -13.76 -7.78
CA PHE A 181 -19.30 -14.80 -7.50
C PHE A 181 -19.21 -15.80 -8.64
N LEU A 182 -19.53 -17.05 -8.34
CA LEU A 182 -19.70 -18.03 -9.40
C LEU A 182 -20.94 -18.86 -9.22
N ILE A 183 -21.41 -19.41 -10.34
CA ILE A 183 -22.59 -20.27 -10.32
C ILE A 183 -22.18 -21.68 -10.78
N GLU A 184 -22.61 -22.70 -10.04
CA GLU A 184 -22.42 -24.11 -10.41
C GLU A 184 -23.66 -24.88 -9.99
N ASN A 185 -24.27 -25.54 -10.95
CA ASN A 185 -25.47 -26.34 -10.71
C ASN A 185 -26.57 -25.54 -9.97
N ASN A 186 -26.81 -24.33 -10.46
CA ASN A 186 -27.83 -23.41 -9.97
C ASN A 186 -27.65 -22.99 -8.51
N ILE A 187 -26.40 -23.06 -8.01
CA ILE A 187 -26.07 -22.62 -6.65
C ILE A 187 -25.03 -21.54 -6.81
N LEU A 188 -25.19 -20.46 -6.02
CA LEU A 188 -24.24 -19.35 -6.02
C LEU A 188 -23.18 -19.55 -4.97
N TYR A 189 -21.95 -19.19 -5.34
CA TYR A 189 -20.79 -19.32 -4.45
C TYR A 189 -19.98 -18.04 -4.50
N THR A 190 -19.38 -17.67 -3.36
CA THR A 190 -18.53 -16.47 -3.28
C THR A 190 -17.49 -16.67 -2.18
N PRO A 191 -16.31 -16.11 -2.37
CA PRO A 191 -15.28 -16.27 -1.31
C PRO A 191 -15.74 -15.74 0.03
N ARG A 192 -15.31 -16.38 1.10
CA ARG A 192 -15.57 -15.88 2.46
C ARG A 192 -14.78 -14.63 2.81
N VAL A 193 -15.32 -13.82 3.72
CA VAL A 193 -14.54 -12.60 4.09
C VAL A 193 -13.17 -12.98 4.69
N GLU A 194 -13.14 -14.09 5.41
CA GLU A 194 -11.95 -14.67 6.06
C GLU A 194 -10.89 -15.13 5.06
N ASP A 195 -11.27 -15.29 3.79
CA ASP A 195 -10.28 -15.57 2.72
C ASP A 195 -9.43 -14.32 2.39
N GLY A 196 -9.73 -13.15 2.96
CA GLY A 196 -8.89 -11.95 2.75
C GLY A 196 -9.40 -11.09 1.60
N ILE A 197 -10.66 -10.68 1.70
CA ILE A 197 -11.28 -9.84 0.69
C ILE A 197 -11.87 -8.61 1.33
N LEU A 198 -12.12 -7.62 0.50
CA LEU A 198 -12.88 -6.45 0.91
CA LEU A 198 -12.89 -6.44 0.89
C LEU A 198 -14.36 -6.88 1.02
N PRO A 199 -15.00 -6.64 2.18
CA PRO A 199 -16.41 -6.97 2.31
C PRO A 199 -17.25 -5.97 1.53
N GLY A 200 -17.46 -6.25 0.25
CA GLY A 200 -18.22 -5.33 -0.57
C GLY A 200 -19.66 -5.10 -0.12
N ILE A 201 -20.12 -3.85 -0.31
CA ILE A 201 -21.51 -3.51 -0.06
C ILE A 201 -22.41 -4.20 -1.07
N THR A 202 -21.99 -4.22 -2.33
CA THR A 202 -22.82 -4.80 -3.39
C THR A 202 -22.94 -6.32 -3.15
N ARG A 203 -21.81 -6.93 -2.80
CA ARG A 203 -21.74 -8.31 -2.40
C ARG A 203 -22.70 -8.63 -1.27
N ALA A 204 -22.66 -7.82 -0.21
CA ALA A 204 -23.58 -8.06 0.92
C ALA A 204 -25.04 -7.90 0.50
N ARG A 205 -25.35 -6.86 -0.30
CA ARG A 205 -26.72 -6.68 -0.81
C ARG A 205 -27.21 -7.87 -1.62
N LEU A 206 -26.33 -8.42 -2.44
CA LEU A 206 -26.67 -9.57 -3.29
CA LEU A 206 -26.66 -9.57 -3.30
C LEU A 206 -26.94 -10.82 -2.44
N ILE A 207 -26.09 -11.07 -1.45
CA ILE A 207 -26.28 -12.17 -0.50
C ILE A 207 -27.67 -12.05 0.17
N SER A 208 -28.02 -10.82 0.57
CA SER A 208 -29.34 -10.56 1.16
CA SER A 208 -29.34 -10.56 1.15
C SER A 208 -30.48 -10.82 0.17
N HIS A 209 -30.37 -10.32 -1.05
CA HIS A 209 -31.40 -10.58 -2.05
C HIS A 209 -31.54 -12.09 -2.30
N CYS A 210 -30.42 -12.81 -2.37
CA CYS A 210 -30.50 -14.27 -2.58
C CYS A 210 -31.25 -14.96 -1.44
N GLN A 211 -30.93 -14.60 -0.21
CA GLN A 211 -31.60 -15.16 0.95
C GLN A 211 -33.06 -14.88 0.91
N GLN A 212 -33.41 -13.65 0.58
CA GLN A 212 -34.83 -13.27 0.49
C GLN A 212 -35.62 -14.05 -0.54
N HIS A 213 -34.96 -14.43 -1.65
CA HIS A 213 -35.62 -15.10 -2.76
C HIS A 213 -35.35 -16.60 -2.84
N LYS A 214 -34.91 -17.18 -1.73
CA LYS A 214 -34.72 -18.62 -1.56
C LYS A 214 -33.69 -19.17 -2.51
N SER A 216 -30.02 -20.42 -3.15
CA SER A 216 -28.92 -21.00 -2.42
CA SER A 216 -28.91 -21.01 -2.42
C SER A 216 -27.67 -20.19 -2.74
N VAL A 217 -27.04 -19.62 -1.69
CA VAL A 217 -25.74 -18.82 -1.80
C VAL A 217 -24.67 -19.16 -0.72
N GLN A 218 -23.54 -19.68 -1.14
CA GLN A 218 -22.58 -20.30 -0.22
C GLN A 218 -21.34 -19.44 -0.14
N GLU A 219 -21.00 -18.99 1.07
CA GLU A 219 -19.76 -18.23 1.27
C GLU A 219 -18.71 -19.23 1.71
N ILE A 220 -17.82 -19.58 0.81
CA ILE A 220 -16.86 -20.64 1.07
C ILE A 220 -15.56 -20.35 0.33
N SER A 221 -14.49 -21.04 0.73
CA SER A 221 -13.21 -20.91 0.04
C SER A 221 -13.32 -21.62 -1.31
N LEU A 222 -12.84 -20.96 -2.36
CA LEU A 222 -12.93 -21.47 -3.70
C LEU A 222 -11.55 -21.61 -4.34
N THR A 223 -11.25 -22.80 -4.84
CA THR A 223 -9.99 -23.01 -5.60
C THR A 223 -10.09 -22.45 -7.01
N LYS A 224 -8.95 -22.32 -7.69
CA LYS A 224 -9.00 -21.97 -9.13
C LYS A 224 -9.77 -22.99 -9.95
N LYS A 225 -9.67 -24.25 -9.59
CA LYS A 225 -10.42 -25.28 -10.28
C LYS A 225 -11.93 -25.12 -10.19
N ARG A 226 -12.43 -24.68 -9.03
CA ARG A 226 -13.85 -24.40 -8.88
C ARG A 226 -14.32 -23.34 -9.89
N ILE A 227 -13.50 -22.32 -10.07
CA ILE A 227 -13.89 -21.26 -10.97
CA ILE A 227 -13.85 -21.25 -11.01
C ILE A 227 -13.76 -21.79 -12.41
N GLU A 228 -12.67 -22.50 -12.70
CA GLU A 228 -12.46 -23.09 -14.03
C GLU A 228 -13.63 -23.98 -14.46
N ASP A 229 -14.24 -24.70 -13.52
CA ASP A 229 -15.38 -25.56 -13.75
C ASP A 229 -16.76 -24.90 -13.61
N ALA A 230 -16.84 -23.59 -13.38
CA ALA A 230 -18.11 -22.93 -13.06
C ALA A 230 -18.99 -22.83 -14.30
N ASP A 231 -20.30 -22.82 -14.10
CA ASP A 231 -21.24 -22.53 -15.19
C ASP A 231 -21.19 -21.08 -15.63
N ALA A 232 -21.08 -20.18 -14.66
CA ALA A 232 -20.98 -18.73 -14.94
C ALA A 232 -20.23 -18.06 -13.83
N VAL A 233 -19.70 -16.88 -14.14
CA VAL A 233 -18.88 -16.11 -13.19
C VAL A 233 -19.28 -14.66 -13.37
N PHE A 234 -19.41 -13.90 -12.27
CA PHE A 234 -19.70 -12.48 -12.40
C PHE A 234 -19.07 -11.68 -11.24
N LEU A 235 -18.96 -10.38 -11.45
CA LEU A 235 -18.31 -9.50 -10.48
C LEU A 235 -19.30 -8.50 -9.96
N THR A 236 -18.99 -7.93 -8.79
CA THR A 236 -19.89 -6.92 -8.18
C THR A 236 -19.09 -5.73 -7.60
N ASN A 237 -19.59 -4.51 -7.83
CA ASN A 237 -19.14 -3.30 -7.08
C ASN A 237 -20.22 -2.23 -7.15
N SER A 238 -20.04 -1.14 -6.40
CA SER A 238 -21.11 -0.14 -6.33
C SER A 238 -21.35 0.58 -7.65
N LEU A 239 -20.29 0.90 -8.39
CA LEU A 239 -20.48 1.72 -9.57
C LEU A 239 -20.99 0.97 -10.78
N GLN A 240 -20.55 -0.26 -10.96
CA GLN A 240 -20.91 -1.06 -12.16
C GLN A 240 -21.97 -2.12 -11.88
N GLY A 241 -22.24 -2.42 -10.62
CA GLY A 241 -23.23 -3.39 -10.26
C GLY A 241 -22.72 -4.77 -10.58
N ILE A 242 -23.59 -5.62 -11.10
CA ILE A 242 -23.20 -6.94 -11.61
C ILE A 242 -22.55 -6.88 -13.00
N ARG A 243 -21.35 -7.42 -13.11
CA ARG A 243 -20.62 -7.44 -14.36
C ARG A 243 -20.39 -8.88 -14.76
N ARG A 244 -20.80 -9.26 -15.95
CA ARG A 244 -20.61 -10.63 -16.42
C ARG A 244 -19.14 -10.87 -16.78
N VAL A 245 -18.70 -12.12 -16.65
CA VAL A 245 -17.32 -12.54 -16.92
C VAL A 245 -17.34 -13.52 -18.10
N LEU A 246 -16.64 -13.16 -19.18
CA LEU A 246 -16.49 -14.01 -20.35
C LEU A 246 -15.37 -15.06 -20.19
N SER A 247 -14.27 -14.68 -19.55
CA SER A 247 -13.11 -15.57 -19.47
C SER A 247 -12.18 -15.28 -18.30
N LEU A 248 -11.52 -16.34 -17.84
CA LEU A 248 -10.38 -16.26 -16.90
C LEU A 248 -9.19 -16.97 -17.52
N ASP A 249 -8.13 -16.22 -17.82
CA ASP A 249 -6.98 -16.76 -18.56
C ASP A 249 -7.54 -17.37 -19.86
N ASN A 250 -7.26 -18.63 -20.13
CA ASN A 250 -7.72 -19.27 -21.36
C ASN A 250 -9.08 -19.94 -21.28
N ILE A 251 -9.70 -19.91 -20.10
CA ILE A 251 -10.97 -20.59 -19.85
C ILE A 251 -12.10 -19.63 -20.18
N ILE A 252 -12.98 -20.08 -21.08
CA ILE A 252 -14.13 -19.30 -21.53
CA ILE A 252 -14.13 -19.30 -21.54
C ILE A 252 -15.41 -19.79 -20.87
N PHE A 253 -16.23 -18.84 -20.42
CA PHE A 253 -17.54 -19.09 -19.79
C PHE A 253 -18.74 -18.71 -20.68
N GLU A 254 -19.84 -19.43 -20.54
CA GLU A 254 -21.11 -18.91 -20.98
C GLU A 254 -21.43 -17.69 -20.09
N VAL A 255 -21.81 -16.58 -20.70
CA VAL A 255 -22.10 -15.34 -19.92
C VAL A 255 -23.55 -15.28 -19.49
N ASN A 256 -24.43 -16.05 -20.15
CA ASN A 256 -25.85 -16.11 -19.71
C ASN A 256 -26.07 -17.06 -18.57
N HIS A 257 -26.96 -16.66 -17.66
CA HIS A 257 -27.53 -17.56 -16.70
C HIS A 257 -28.77 -16.90 -16.09
N PRO A 258 -29.86 -17.66 -15.92
CA PRO A 258 -31.10 -17.12 -15.36
C PRO A 258 -30.96 -16.46 -14.00
N ILE A 259 -30.03 -16.95 -13.17
CA ILE A 259 -29.79 -16.40 -11.86
C ILE A 259 -29.22 -14.97 -12.00
N ILE A 260 -28.35 -14.76 -12.99
CA ILE A 260 -27.74 -13.43 -13.18
C ILE A 260 -28.81 -12.40 -13.57
N ASP A 261 -29.66 -12.78 -14.51
CA ASP A 261 -30.78 -11.95 -14.91
C ASP A 261 -31.67 -11.56 -13.71
N LYS A 262 -31.99 -12.52 -12.86
CA LYS A 262 -32.82 -12.24 -11.69
C LYS A 262 -32.13 -11.28 -10.74
N LEU A 263 -30.85 -11.53 -10.46
CA LEU A 263 -30.10 -10.68 -9.57
C LEU A 263 -29.92 -9.25 -10.12
N ILE A 264 -29.74 -9.09 -11.43
CA ILE A 264 -29.64 -7.76 -12.01
C ILE A 264 -30.99 -7.06 -11.79
N PHE A 265 -32.09 -7.76 -12.01
CA PHE A 265 -33.42 -7.16 -11.77
C PHE A 265 -33.57 -6.67 -10.32
N LEU A 266 -33.23 -7.55 -9.37
CA LEU A 266 -33.33 -7.26 -7.94
C LEU A 266 -32.41 -6.10 -7.51
N LEU A 267 -31.15 -6.07 -7.94
CA LEU A 267 -30.28 -4.95 -7.61
C LEU A 267 -30.74 -3.63 -8.23
N ASN A 268 -31.40 -3.69 -9.40
CA ASN A 268 -31.84 -2.47 -10.11
C ASN A 268 -33.00 -1.73 -9.49
N GLN A 269 -33.86 -2.44 -8.76
CA GLN A 269 -34.91 -1.79 -7.96
C GLN A 269 -34.22 -0.83 -6.98
N ASP A 270 -33.22 -1.38 -6.31
CA ASP A 270 -32.43 -0.65 -5.31
C ASP A 270 -31.70 0.62 -5.85
N GLU A 271 -31.23 0.55 -7.09
CA GLU A 271 -30.49 1.64 -7.77
C GLU A 271 -31.41 2.65 -8.47
N PRO B 3 7.86 16.35 -18.76
CA PRO B 3 6.91 15.47 -18.06
C PRO B 3 7.19 15.19 -16.57
N THR B 4 8.13 15.92 -15.96
CA THR B 4 8.35 15.88 -14.49
C THR B 4 8.46 17.30 -13.98
N ARG B 5 7.63 17.66 -13.01
CA ARG B 5 7.58 19.01 -12.45
C ARG B 5 7.98 18.99 -10.97
N VAL B 6 8.94 19.81 -10.55
CA VAL B 6 9.15 20.00 -9.11
C VAL B 6 8.14 21.04 -8.61
N ILE B 7 7.34 20.69 -7.61
CA ILE B 7 6.46 21.66 -6.94
C ILE B 7 7.29 22.39 -5.85
N GLU B 8 7.50 23.69 -6.04
CA GLU B 8 8.32 24.53 -5.16
CA GLU B 8 8.33 24.49 -5.12
C GLU B 8 7.44 25.23 -4.13
N ASP B 9 8.05 25.69 -3.05
CA ASP B 9 7.39 26.51 -2.03
C ASP B 9 6.84 27.82 -2.63
N LYS B 10 5.58 28.14 -2.35
CA LYS B 10 5.04 29.49 -2.60
C LYS B 10 3.82 29.78 -1.71
N THR B 14 4.19 25.67 2.17
CA THR B 14 4.66 24.32 1.80
C THR B 14 3.83 23.74 0.64
N PRO B 15 4.52 23.10 -0.34
CA PRO B 15 3.75 22.52 -1.44
C PRO B 15 3.10 21.20 -1.05
N SER B 16 2.00 20.85 -1.72
CA SER B 16 1.45 19.49 -1.66
C SER B 16 0.87 19.06 -3.00
N PHE B 17 0.34 17.84 -3.03
CA PHE B 17 -0.24 17.24 -4.23
C PHE B 17 -1.74 17.51 -4.30
N GLY B 18 -2.27 17.72 -5.50
CA GLY B 18 -3.69 18.07 -5.67
C GLY B 18 -4.51 16.79 -5.55
N ILE B 19 -5.80 16.93 -5.34
CA ILE B 19 -6.64 15.79 -4.99
C ILE B 19 -6.86 14.85 -6.20
N ASP B 20 -6.64 15.35 -7.41
CA ASP B 20 -6.68 14.51 -8.63
C ASP B 20 -5.38 13.74 -8.93
N ASP B 21 -4.38 13.85 -8.04
CA ASP B 21 -3.09 13.20 -8.23
C ASP B 21 -3.20 11.70 -7.95
N ARG B 22 -2.56 10.89 -8.80
CA ARG B 22 -2.66 9.44 -8.66
C ARG B 22 -1.95 8.92 -7.38
N ILE B 23 -1.15 9.76 -6.72
CA ILE B 23 -0.58 9.40 -5.42
C ILE B 23 -1.64 8.99 -4.43
N PHE B 24 -2.89 9.50 -4.56
CA PHE B 24 -4.00 9.06 -3.71
C PHE B 24 -4.57 7.66 -3.94
N LEU B 25 -4.12 6.99 -5.03
CA LEU B 25 -4.39 5.61 -5.34
C LEU B 25 -3.17 4.74 -4.96
N GLY B 26 -2.13 5.38 -4.45
CA GLY B 26 -0.89 4.69 -4.12
C GLY B 26 0.20 4.79 -5.17
N GLU B 27 -0.02 5.57 -6.23
CA GLU B 27 0.96 5.68 -7.30
C GLU B 27 1.97 6.77 -6.93
N GLY B 28 2.91 6.39 -6.06
CA GLY B 28 3.94 7.34 -5.59
C GLY B 28 5.14 6.60 -5.03
N LEU B 29 6.31 7.23 -5.17
CA LEU B 29 7.56 6.65 -4.72
C LEU B 29 8.27 7.66 -3.84
N PHE B 30 9.14 7.19 -2.96
CA PHE B 30 9.92 8.14 -2.18
C PHE B 30 11.36 7.70 -1.96
N GLU B 31 12.18 8.67 -1.56
CA GLU B 31 13.54 8.43 -1.12
C GLU B 31 13.76 9.27 0.12
N THR B 32 14.41 8.68 1.12
CA THR B 32 14.75 9.39 2.34
CA THR B 32 14.75 9.37 2.36
C THR B 32 16.28 9.46 2.42
N ILE B 33 16.79 10.68 2.42
CA ILE B 33 18.20 10.96 2.19
C ILE B 33 18.78 11.61 3.46
N ARG B 34 19.85 11.02 3.96
CA ARG B 34 20.56 11.61 5.06
C ARG B 34 21.33 12.85 4.61
N VAL B 35 21.30 13.90 5.42
CA VAL B 35 22.09 15.08 5.15
C VAL B 35 23.13 15.20 6.28
N ASN B 36 24.40 15.23 5.89
CA ASN B 36 25.53 15.34 6.82
C ASN B 36 26.35 16.56 6.45
N SER B 37 26.56 17.46 7.41
CA SER B 37 27.35 18.67 7.20
C SER B 37 26.91 19.46 5.96
N SER B 38 25.59 19.57 5.82
CA SER B 38 24.90 20.32 4.77
C SER B 38 25.02 19.69 3.39
N LYS B 39 25.48 18.45 3.34
CA LYS B 39 25.63 17.70 2.09
C LYS B 39 24.72 16.45 2.07
N PRO B 40 23.95 16.26 0.99
CA PRO B 40 23.18 15.02 0.88
C PRO B 40 24.11 13.83 0.65
N SER B 41 23.95 12.82 1.49
CA SER B 41 24.71 11.59 1.44
C SER B 41 24.13 10.64 0.37
N PHE B 42 25.00 10.19 -0.53
CA PHE B 42 24.64 9.24 -1.59
C PHE B 42 23.50 9.68 -2.48
N ALA B 43 23.49 10.97 -2.80
CA ALA B 43 22.46 11.55 -3.65
C ALA B 43 22.31 10.77 -4.96
N TYR B 44 23.43 10.31 -5.53
CA TYR B 44 23.39 9.55 -6.80
C TYR B 44 22.62 8.25 -6.60
N HIS B 46 20.39 7.36 -4.46
CA HIS B 46 18.96 7.66 -4.26
C HIS B 46 18.27 8.03 -5.58
N TRP B 47 18.93 8.88 -6.37
CA TRP B 47 18.39 9.24 -7.71
C TRP B 47 18.25 8.02 -8.61
N GLU B 48 19.27 7.16 -8.58
CA GLU B 48 19.29 5.97 -9.43
C GLU B 48 18.12 5.05 -9.09
N ARG B 49 17.96 4.78 -7.81
CA ARG B 49 16.92 3.86 -7.36
C ARG B 49 15.54 4.44 -7.67
N LEU B 50 15.36 5.72 -7.37
CA LEU B 50 14.04 6.37 -7.65
C LEU B 50 13.73 6.29 -9.12
N GLY B 51 14.73 6.55 -9.97
CA GLY B 51 14.51 6.50 -11.42
C GLY B 51 14.21 5.10 -11.92
N ASN B 52 14.92 4.11 -11.39
CA ASN B 52 14.68 2.70 -11.75
C ASN B 52 13.26 2.24 -11.41
N SER B 53 12.81 2.59 -10.21
CA SER B 53 11.45 2.35 -9.78
C SER B 53 10.41 3.08 -10.59
N ALA B 54 10.66 4.37 -10.92
CA ALA B 54 9.75 5.16 -11.76
C ALA B 54 9.57 4.49 -13.10
N ARG B 55 10.71 4.11 -13.72
CA ARG B 55 10.71 3.44 -15.01
C ARG B 55 9.85 2.18 -14.99
N GLN B 56 10.00 1.41 -13.93
CA GLN B 56 9.27 0.16 -13.78
C GLN B 56 7.76 0.34 -13.69
N LEU B 57 7.34 1.44 -13.07
CA LEU B 57 5.93 1.80 -12.91
C LEU B 57 5.39 2.69 -14.06
N GLY B 58 6.23 3.05 -15.03
CA GLY B 58 5.82 3.93 -16.12
C GLY B 58 5.63 5.39 -15.75
N ILE B 59 6.16 5.79 -14.59
CA ILE B 59 6.06 7.15 -14.13
C ILE B 59 7.26 7.92 -14.72
N PRO B 60 7.00 9.02 -15.46
CA PRO B 60 8.16 9.79 -15.92
C PRO B 60 9.06 10.27 -14.75
N PHE B 61 10.36 10.24 -15.00
CA PHE B 61 11.33 10.82 -14.10
C PHE B 61 12.39 11.53 -14.93
N GLU B 62 11.99 12.66 -15.52
CA GLU B 62 12.83 13.41 -16.45
C GLU B 62 13.42 14.56 -15.65
N ILE B 63 14.28 14.21 -14.70
CA ILE B 63 15.08 15.18 -13.95
C ILE B 63 16.50 14.64 -13.96
N SER B 64 17.45 15.45 -14.41
CA SER B 64 18.83 14.99 -14.51
C SER B 64 19.41 14.85 -13.11
N PHE B 65 20.49 14.07 -12.97
CA PHE B 65 21.12 13.99 -11.66
C PHE B 65 21.58 15.36 -11.15
N ASP B 66 22.20 16.15 -12.03
CA ASP B 66 22.69 17.46 -11.63
C ASP B 66 21.55 18.34 -11.09
N ASP B 67 20.40 18.33 -11.78
CA ASP B 67 19.26 19.14 -11.34
C ASP B 67 18.71 18.60 -10.00
N TRP B 68 18.65 17.28 -9.88
CA TRP B 68 18.26 16.63 -8.61
C TRP B 68 19.14 17.10 -7.49
N PHE B 69 20.45 17.00 -7.71
CA PHE B 69 21.41 17.39 -6.68
C PHE B 69 21.24 18.86 -6.32
N GLU B 70 21.12 19.72 -7.33
CA GLU B 70 20.93 21.17 -7.13
CA GLU B 70 20.94 21.15 -7.10
C GLU B 70 19.65 21.46 -6.32
N HIS B 71 18.59 20.73 -6.60
CA HIS B 71 17.35 20.85 -5.78
C HIS B 71 17.56 20.48 -4.33
N LEU B 72 18.32 19.42 -4.08
CA LEU B 72 18.64 19.00 -2.70
C LEU B 72 19.44 20.10 -2.00
N ILE B 73 20.44 20.64 -2.69
CA ILE B 73 21.29 21.68 -2.10
C ILE B 73 20.45 22.92 -1.80
N GLN B 74 19.54 23.30 -2.70
CA GLN B 74 18.76 24.51 -2.50
C GLN B 74 17.80 24.38 -1.32
N LYS B 75 17.30 23.17 -1.09
CA LYS B 75 16.47 22.86 0.07
C LYS B 75 17.23 22.92 1.38
N ILE B 76 18.41 22.28 1.42
CA ILE B 76 19.31 22.31 2.58
C ILE B 76 19.71 23.73 2.97
N GLN B 77 20.13 24.51 1.98
CA GLN B 77 20.48 25.91 2.17
C GLN B 77 19.30 26.76 2.66
N LYS B 78 18.14 26.60 2.02
CA LYS B 78 16.97 27.40 2.37
C LYS B 78 16.50 27.08 3.79
N ASP B 79 16.52 25.81 4.16
CA ASP B 79 16.06 25.38 5.48
C ASP B 79 17.16 25.34 6.53
N ASN B 80 18.36 25.80 6.18
CA ASN B 80 19.48 25.86 7.12
C ASN B 80 19.87 24.54 7.76
N LEU B 81 19.78 23.46 6.99
CA LEU B 81 20.09 22.14 7.50
C LEU B 81 21.60 21.91 7.52
N TYR B 82 22.09 21.31 8.60
CA TYR B 82 23.47 20.84 8.65
C TYR B 82 23.42 19.34 8.71
N HIS B 83 23.03 18.78 9.86
CA HIS B 83 22.71 17.36 9.94
C HIS B 83 21.19 17.22 9.93
N GLY B 84 20.69 16.22 9.23
CA GLY B 84 19.23 15.96 9.19
C GLY B 84 18.86 15.08 8.02
N GLY B 85 17.63 15.24 7.52
CA GLY B 85 17.18 14.48 6.37
C GLY B 85 16.43 15.27 5.34
N ILE B 86 16.37 14.70 4.13
CA ILE B 86 15.47 15.18 3.09
C ILE B 86 14.67 14.01 2.54
N LYS B 87 13.35 14.20 2.42
CA LYS B 87 12.46 13.20 1.80
C LYS B 87 12.03 13.72 0.44
N ALA B 88 12.23 12.94 -0.61
CA ALA B 88 11.74 13.25 -1.97
C ALA B 88 10.55 12.35 -2.22
N ILE B 89 9.41 12.92 -2.63
CA ILE B 89 8.23 12.15 -2.98
C ILE B 89 7.90 12.43 -4.45
N LEU B 90 7.79 11.36 -5.25
CA LEU B 90 7.45 11.43 -6.69
C LEU B 90 6.06 10.83 -6.85
N SER B 91 5.12 11.63 -7.32
CA SER B 91 3.75 11.18 -7.55
C SER B 91 3.55 10.88 -9.01
N GLY B 92 2.60 10.00 -9.30
CA GLY B 92 2.21 9.71 -10.69
C GLY B 92 1.62 10.94 -11.36
N GLY B 93 1.06 11.84 -10.57
CA GLY B 93 0.58 13.14 -11.08
C GLY B 93 -0.90 13.19 -11.35
N PRO B 94 -1.41 14.41 -11.67
CA PRO B 94 -2.81 14.58 -12.05
C PRO B 94 -3.14 13.74 -13.24
N ALA B 95 -4.32 13.14 -13.24
CA ALA B 95 -4.73 12.31 -14.35
C ALA B 95 -6.22 12.20 -14.33
N SER B 96 -6.80 11.79 -15.46
CA SER B 96 -8.23 11.49 -15.53
CA SER B 96 -8.23 11.52 -15.50
C SER B 96 -8.50 10.31 -14.63
N ARG B 97 -9.75 10.18 -14.23
CA ARG B 97 -10.16 9.11 -13.33
C ARG B 97 -10.02 7.74 -14.00
N GLY B 98 -9.58 6.75 -13.22
CA GLY B 98 -9.45 5.38 -13.68
C GLY B 98 -8.21 4.75 -13.09
N LEU B 99 -8.32 3.51 -12.66
CA LEU B 99 -7.22 2.86 -11.97
C LEU B 99 -5.95 2.75 -12.84
N ALA B 100 -6.13 2.54 -14.15
CA ALA B 100 -5.01 2.30 -15.08
C ALA B 100 -4.70 3.49 -15.98
N GLU B 101 -5.26 4.65 -15.66
CA GLU B 101 -4.89 5.88 -16.32
C GLU B 101 -3.43 6.19 -16.01
N ARG B 102 -2.87 7.13 -16.75
CA ARG B 102 -1.45 7.41 -16.71
C ARG B 102 -1.28 8.93 -16.54
N GLY B 103 -0.47 9.36 -15.58
CA GLY B 103 -0.18 10.78 -15.42
C GLY B 103 0.83 11.15 -16.46
N GLN B 104 0.52 12.16 -17.25
CA GLN B 104 1.45 12.66 -18.28
C GLN B 104 2.62 13.40 -17.64
N VAL B 105 2.36 14.07 -16.51
CA VAL B 105 3.40 14.84 -15.79
C VAL B 105 3.46 14.40 -14.33
N SER B 106 4.58 13.77 -13.96
CA SER B 106 4.83 13.42 -12.58
C SER B 106 5.26 14.67 -11.79
N GLN B 107 5.09 14.59 -10.47
CA GLN B 107 5.30 15.73 -9.60
C GLN B 107 6.28 15.28 -8.54
N LEU B 108 7.23 16.13 -8.24
CA LEU B 108 8.24 15.83 -7.25
C LEU B 108 8.17 16.91 -6.18
N ILE B 109 8.15 16.50 -4.90
CA ILE B 109 8.24 17.40 -3.77
C ILE B 109 9.42 16.99 -2.87
N PHE B 110 10.20 17.99 -2.44
CA PHE B 110 11.26 17.78 -1.44
C PHE B 110 10.93 18.46 -0.13
N GLN B 111 11.17 17.75 0.96
CA GLN B 111 10.95 18.28 2.32
C GLN B 111 12.11 17.90 3.23
N THR B 112 12.57 18.86 4.01
CA THR B 112 13.66 18.63 4.96
C THR B 112 13.05 18.36 6.32
N PHE B 113 13.86 17.74 7.16
CA PHE B 113 13.49 17.53 8.56
C PHE B 113 14.73 17.31 9.38
N ASN B 114 14.57 17.56 10.66
CA ASN B 114 15.61 17.31 11.65
C ASN B 114 15.19 16.12 12.49
N TYR B 115 16.14 15.28 12.87
CA TYR B 115 15.84 14.08 13.67
C TYR B 115 17.07 13.65 14.46
N SER B 116 16.84 12.91 15.55
CA SER B 116 17.90 12.34 16.38
C SER B 116 18.21 10.90 15.99
N ILE B 117 19.49 10.56 15.88
CA ILE B 117 19.91 9.18 15.71
C ILE B 117 19.68 8.44 17.04
N GLN B 118 18.88 7.38 16.98
CA GLN B 118 18.54 6.56 18.14
C GLN B 118 19.66 5.53 18.38
N LYS B 119 20.26 5.54 19.57
CA LYS B 119 21.41 4.63 19.84
C LYS B 119 21.12 3.45 20.81
N HIS B 120 19.97 3.49 21.50
CA HIS B 120 19.47 2.34 22.24
CA HIS B 120 19.45 2.33 22.24
C HIS B 120 19.19 1.14 21.29
N PRO B 121 19.56 -0.10 21.69
CA PRO B 121 19.28 -1.21 20.77
C PRO B 121 17.79 -1.51 20.64
N VAL B 122 17.40 -2.01 19.47
CA VAL B 122 15.98 -2.16 19.13
CA VAL B 122 15.99 -2.16 19.09
C VAL B 122 15.44 -3.53 19.51
N ARG B 123 14.17 -3.54 19.92
CA ARG B 123 13.43 -4.77 20.19
CA ARG B 123 13.41 -4.76 20.20
C ARG B 123 12.47 -5.05 19.03
N LEU B 124 12.55 -6.27 18.48
CA LEU B 124 11.73 -6.70 17.33
C LEU B 124 10.74 -7.78 17.70
N ILE B 125 9.61 -7.81 17.00
CA ILE B 125 8.67 -8.92 17.03
C ILE B 125 8.46 -9.41 15.60
N SER B 126 8.20 -10.70 15.46
CA SER B 126 7.96 -11.27 14.14
C SER B 126 6.48 -11.08 13.80
N ILE B 127 6.19 -10.68 12.57
CA ILE B 127 4.82 -10.53 12.12
C ILE B 127 4.29 -11.89 11.62
N ASN B 128 3.01 -12.14 11.87
CA ASN B 128 2.39 -13.45 11.57
C ASN B 128 1.98 -13.61 10.10
N TRP B 129 1.56 -12.53 9.46
CA TRP B 129 1.24 -12.64 8.04
C TRP B 129 2.52 -12.66 7.19
N LEU B 130 2.48 -13.40 6.07
CA LEU B 130 3.63 -13.58 5.20
C LEU B 130 3.50 -12.82 3.88
N ARG B 131 4.64 -12.52 3.26
CA ARG B 131 4.72 -11.83 1.96
C ARG B 131 5.18 -12.78 0.88
N ASP B 132 4.54 -12.72 -0.28
CA ASP B 132 5.03 -13.44 -1.45
C ASP B 132 6.22 -12.67 -2.00
N LYS B 133 7.38 -13.33 -2.11
CA LYS B 133 8.55 -12.70 -2.69
C LYS B 133 8.31 -12.24 -4.15
N ALA B 134 7.27 -12.77 -4.80
CA ALA B 134 6.90 -12.39 -6.17
C ALA B 134 6.03 -11.13 -6.26
N ASN B 135 5.60 -10.57 -5.13
CA ASN B 135 4.77 -9.38 -5.11
C ASN B 135 5.70 -8.18 -5.33
N PRO B 136 5.53 -7.48 -6.43
CA PRO B 136 6.50 -6.42 -6.77
C PRO B 136 6.51 -5.23 -5.81
N LEU B 137 5.46 -5.07 -5.03
CA LEU B 137 5.38 -3.97 -4.08
C LEU B 137 6.58 -3.93 -3.14
N TYR B 138 7.10 -5.10 -2.78
CA TYR B 138 8.09 -5.17 -1.70
C TYR B 138 9.51 -4.81 -2.16
N GLN B 139 9.69 -4.58 -3.45
CA GLN B 139 10.98 -4.09 -3.96
C GLN B 139 10.92 -2.64 -4.37
N LEU B 140 9.81 -1.98 -4.08
CA LEU B 140 9.58 -0.57 -4.37
C LEU B 140 9.45 0.25 -3.07
N SER B 142 7.63 2.71 -2.02
CA SER B 142 6.43 3.40 -2.42
C SER B 142 5.74 4.05 -1.26
N VAL B 143 4.72 4.85 -1.56
CA VAL B 143 3.87 5.45 -0.53
C VAL B 143 2.89 4.44 0.12
N ASN B 144 2.89 3.17 -0.31
CA ASN B 144 1.89 2.19 0.20
C ASN B 144 2.40 1.53 1.51
N TYR B 145 2.58 2.34 2.55
CA TYR B 145 3.19 1.86 3.79
C TYR B 145 2.21 1.51 4.92
N LEU B 146 0.90 1.44 4.64
CA LEU B 146 -0.04 1.08 5.71
C LEU B 146 0.29 -0.24 6.39
N GLU B 147 0.71 -1.22 5.58
CA GLU B 147 1.08 -2.52 6.11
C GLU B 147 2.16 -2.37 7.20
N ALA B 148 3.17 -1.57 6.88
CA ALA B 148 4.27 -1.26 7.77
C ALA B 148 3.79 -0.53 9.01
N ILE B 149 2.90 0.42 8.82
CA ILE B 149 2.32 1.17 9.94
C ILE B 149 1.59 0.24 10.90
N ILE B 150 0.73 -0.61 10.37
CA ILE B 150 -0.04 -1.55 11.22
C ILE B 150 0.94 -2.47 12.02
N ALA B 151 1.93 -3.03 11.31
CA ALA B 151 2.93 -3.93 11.89
C ALA B 151 3.73 -3.21 12.98
N GLN B 152 4.15 -1.98 12.72
CA GLN B 152 4.86 -1.23 13.76
C GLN B 152 4.00 -0.87 14.99
N ARG B 153 2.77 -0.48 14.77
CA ARG B 153 1.84 -0.32 15.90
C ARG B 153 1.67 -1.58 16.72
N GLN B 154 1.67 -2.75 16.10
CA GLN B 154 1.51 -4.01 16.86
C GLN B 154 2.72 -4.27 17.74
N ALA B 155 3.89 -4.04 17.14
CA ALA B 155 5.15 -4.09 17.87
C ALA B 155 5.15 -3.19 19.09
N ILE B 156 4.81 -1.92 18.89
CA ILE B 156 4.70 -0.94 19.97
C ILE B 156 3.67 -1.37 21.04
N ALA B 157 2.54 -1.94 20.62
CA ALA B 157 1.51 -2.39 21.57
C ALA B 157 2.00 -3.50 22.49
N VAL B 158 2.93 -4.33 22.02
CA VAL B 158 3.44 -5.47 22.82
C VAL B 158 4.80 -5.26 23.49
N GLY B 159 5.23 -4.00 23.61
CA GLY B 159 6.50 -3.66 24.27
C GLY B 159 7.74 -3.57 23.40
N ALA B 160 7.60 -3.82 22.09
CA ALA B 160 8.74 -3.83 21.16
C ALA B 160 8.86 -2.50 20.44
N ASP B 161 9.83 -2.40 19.55
CA ASP B 161 10.10 -1.17 18.80
C ASP B 161 9.71 -1.25 17.32
N ASP B 162 9.88 -2.41 16.71
CA ASP B 162 9.72 -2.53 15.25
C ASP B 162 9.34 -3.97 14.98
N ALA B 163 8.91 -4.23 13.75
CA ALA B 163 8.39 -5.51 13.31
C ALA B 163 9.26 -6.06 12.19
N LEU B 164 9.42 -7.38 12.18
CA LEU B 164 10.17 -8.13 11.21
C LEU B 164 9.24 -9.03 10.38
N PHE B 165 9.34 -8.89 9.07
CA PHE B 165 8.56 -9.68 8.12
C PHE B 165 9.32 -10.88 7.54
N PHE B 166 8.52 -11.91 7.27
CA PHE B 166 8.91 -13.12 6.60
C PHE B 166 8.13 -13.34 5.29
N ASN B 167 8.76 -14.05 4.35
CA ASN B 167 8.10 -14.39 3.11
C ASN B 167 7.36 -15.74 3.25
N THR B 168 6.63 -16.13 2.21
CA THR B 168 5.84 -17.36 2.24
C THR B 168 6.67 -18.65 2.15
N GLU B 169 8.00 -18.51 2.02
CA GLU B 169 8.93 -19.63 2.15
C GLU B 169 9.54 -19.66 3.56
N ASN B 170 8.97 -18.87 4.48
CA ASN B 170 9.45 -18.71 5.86
C ASN B 170 10.87 -18.22 5.97
N HIS B 171 11.27 -17.36 5.03
CA HIS B 171 12.58 -16.73 5.10
C HIS B 171 12.39 -15.25 5.48
N VAL B 172 13.29 -14.76 6.33
CA VAL B 172 13.35 -13.37 6.78
CA VAL B 172 13.23 -13.38 6.76
C VAL B 172 13.50 -12.42 5.59
N THR B 173 12.81 -11.29 5.60
CA THR B 173 13.01 -10.25 4.59
C THR B 173 13.64 -9.01 5.25
N GLU B 174 12.83 -8.19 5.90
CA GLU B 174 13.26 -6.88 6.41
C GLU B 174 12.30 -6.43 7.47
N THR B 175 12.58 -5.29 8.10
CA THR B 175 11.63 -4.67 9.01
C THR B 175 10.71 -3.65 8.29
N THR B 176 10.02 -2.84 9.08
CA THR B 176 9.20 -1.75 8.52
C THR B 176 9.99 -0.63 7.85
N CYS B 177 11.29 -0.54 8.15
CA CYS B 177 12.10 0.58 7.66
C CYS B 177 13.58 0.29 7.45
N ALA B 178 13.98 -0.98 7.49
CA ALA B 178 15.39 -1.31 7.50
C ALA B 178 15.64 -2.74 7.04
N ASN B 179 16.82 -2.94 6.43
CA ASN B 179 17.30 -4.26 6.09
C ASN B 179 17.91 -4.90 7.33
N LEU B 180 17.97 -6.22 7.32
CA LEU B 180 18.53 -7.01 8.41
C LEU B 180 19.79 -7.74 8.04
N PHE B 181 20.73 -7.75 8.98
CA PHE B 181 22.00 -8.49 8.90
C PHE B 181 22.12 -9.30 10.18
N LEU B 182 22.78 -10.43 10.11
CA LEU B 182 23.25 -11.10 11.32
C LEU B 182 24.69 -11.49 11.21
N ILE B 183 25.28 -11.80 12.35
CA ILE B 183 26.68 -12.23 12.43
C ILE B 183 26.67 -13.56 13.15
N GLU B 184 27.31 -14.55 12.56
CA GLU B 184 27.55 -15.81 13.23
C GLU B 184 28.96 -16.29 12.89
N ASN B 185 29.73 -16.62 13.94
CA ASN B 185 31.13 -17.05 13.81
CA ASN B 185 31.13 -17.05 13.82
C ASN B 185 31.93 -16.11 12.91
N ASN B 186 31.80 -14.81 13.16
CA ASN B 186 32.47 -13.72 12.44
C ASN B 186 32.17 -13.62 10.95
N ILE B 187 31.06 -14.21 10.54
CA ILE B 187 30.61 -14.13 9.15
C ILE B 187 29.28 -13.39 9.13
N LEU B 188 29.16 -12.48 8.17
CA LEU B 188 27.97 -11.65 7.99
C LEU B 188 27.00 -12.36 7.06
N TYR B 189 25.71 -12.34 7.40
CA TYR B 189 24.66 -12.92 6.56
C TYR B 189 23.53 -11.86 6.40
N THR B 190 22.90 -11.85 5.23
CA THR B 190 21.77 -10.96 4.99
C THR B 190 20.86 -11.58 3.92
N PRO B 191 19.54 -11.35 4.03
CA PRO B 191 18.66 -11.93 3.00
C PRO B 191 19.04 -11.52 1.58
N ARG B 192 18.80 -12.43 0.63
CA ARG B 192 19.01 -12.17 -0.79
CA ARG B 192 19.05 -12.13 -0.79
C ARG B 192 18.00 -11.17 -1.33
N VAL B 193 18.37 -10.42 -2.38
CA VAL B 193 17.41 -9.56 -3.06
CA VAL B 193 17.42 -9.58 -3.10
C VAL B 193 16.20 -10.40 -3.51
N GLU B 194 16.45 -11.63 -3.95
CA GLU B 194 15.40 -12.52 -4.43
C GLU B 194 14.43 -13.03 -3.35
N ASP B 195 14.75 -12.82 -2.06
CA ASP B 195 13.82 -13.17 -0.99
C ASP B 195 12.64 -12.20 -0.88
N GLY B 196 12.67 -11.10 -1.65
CA GLY B 196 11.58 -10.14 -1.73
C GLY B 196 11.75 -8.97 -0.78
N ILE B 197 12.93 -8.36 -0.81
CA ILE B 197 13.27 -7.25 0.08
C ILE B 197 13.43 -5.97 -0.72
N LEU B 198 13.37 -4.87 -0.01
CA LEU B 198 13.77 -3.58 -0.56
C LEU B 198 15.29 -3.60 -0.64
N PRO B 199 15.86 -3.37 -1.84
CA PRO B 199 17.33 -3.35 -1.99
C PRO B 199 17.91 -2.07 -1.43
N GLY B 200 18.15 -2.07 -0.13
CA GLY B 200 18.57 -0.83 0.52
C GLY B 200 19.91 -0.32 0.01
N ILE B 201 20.03 1.00 0.02
CA ILE B 201 21.29 1.65 -0.33
C ILE B 201 22.35 1.37 0.75
N THR B 202 21.94 1.39 2.02
CA THR B 202 22.88 1.23 3.10
C THR B 202 23.39 -0.19 3.08
N ARG B 203 22.46 -1.13 2.91
CA ARG B 203 22.76 -2.55 2.70
C ARG B 203 23.79 -2.75 1.59
N ALA B 204 23.53 -2.12 0.43
CA ALA B 204 24.45 -2.22 -0.71
C ALA B 204 25.85 -1.67 -0.40
N ARG B 205 25.90 -0.53 0.29
CA ARG B 205 27.18 0.11 0.69
C ARG B 205 27.95 -0.80 1.64
N LEU B 206 27.24 -1.39 2.59
CA LEU B 206 27.86 -2.27 3.58
CA LEU B 206 27.88 -2.27 3.57
C LEU B 206 28.48 -3.50 2.91
N ILE B 207 27.73 -4.12 1.99
CA ILE B 207 28.25 -5.25 1.21
C ILE B 207 29.53 -4.87 0.44
N SER B 208 29.52 -3.71 -0.21
CA SER B 208 30.69 -3.20 -0.96
CA SER B 208 30.69 -3.22 -0.95
C SER B 208 31.89 -3.05 -0.03
N HIS B 209 31.70 -2.39 1.11
CA HIS B 209 32.75 -2.26 2.11
C HIS B 209 33.32 -3.62 2.53
N CYS B 210 32.47 -4.61 2.76
CA CYS B 210 32.94 -5.93 3.19
C CYS B 210 33.79 -6.55 2.09
N GLN B 211 33.32 -6.43 0.85
CA GLN B 211 34.06 -6.96 -0.30
C GLN B 211 35.42 -6.31 -0.47
N GLN B 212 35.47 -4.99 -0.32
CA GLN B 212 36.73 -4.26 -0.40
C GLN B 212 37.66 -4.68 0.71
N HIS B 213 37.12 -4.96 1.90
CA HIS B 213 37.91 -5.34 3.07
C HIS B 213 38.08 -6.87 3.28
N LYS B 214 37.65 -7.66 2.28
CA LYS B 214 37.65 -9.15 2.33
C LYS B 214 37.08 -9.70 3.69
N SER B 216 33.96 -11.57 5.22
CA SER B 216 33.05 -12.52 4.61
C SER B 216 31.62 -12.05 4.87
N VAL B 217 30.86 -11.92 3.77
CA VAL B 217 29.44 -11.54 3.81
C VAL B 217 28.63 -12.43 2.85
N GLN B 218 27.56 -13.03 3.34
CA GLN B 218 26.80 -13.99 2.57
C GLN B 218 25.36 -13.53 2.41
N GLU B 219 24.93 -13.38 1.15
CA GLU B 219 23.55 -13.08 0.77
C GLU B 219 22.82 -14.36 0.51
N ILE B 220 22.07 -14.82 1.51
CA ILE B 220 21.39 -16.13 1.47
C ILE B 220 19.99 -16.05 2.12
N SER B 221 19.18 -17.08 1.86
CA SER B 221 17.86 -17.15 2.47
C SER B 221 18.06 -17.62 3.90
N LEU B 222 17.42 -16.91 4.83
CA LEU B 222 17.62 -17.10 6.26
C LEU B 222 16.32 -17.46 6.95
N THR B 223 16.32 -18.57 7.69
CA THR B 223 15.14 -18.98 8.47
C THR B 223 15.13 -18.22 9.81
N LYS B 224 14.02 -18.33 10.54
CA LYS B 224 13.90 -17.70 11.87
C LYS B 224 14.94 -18.31 12.83
N LYS B 225 15.16 -19.61 12.67
CA LYS B 225 16.15 -20.34 13.46
C LYS B 225 17.56 -19.77 13.27
N ARG B 226 17.93 -19.37 12.05
CA ARG B 226 19.22 -18.69 11.84
C ARG B 226 19.37 -17.42 12.65
N ILE B 227 18.30 -16.63 12.74
CA ILE B 227 18.34 -15.40 13.52
C ILE B 227 18.48 -15.73 14.99
N GLU B 228 17.67 -16.67 15.46
CA GLU B 228 17.66 -17.03 16.88
CA GLU B 228 17.68 -16.95 16.90
C GLU B 228 19.02 -17.51 17.34
N ASP B 229 19.73 -18.22 16.45
CA ASP B 229 21.08 -18.73 16.71
C ASP B 229 22.24 -17.75 16.43
N ALA B 230 21.95 -16.55 15.94
CA ALA B 230 23.00 -15.57 15.61
C ALA B 230 23.78 -15.05 16.82
N ASP B 231 25.03 -14.63 16.61
CA ASP B 231 25.81 -13.98 17.65
C ASP B 231 25.33 -12.55 17.87
N ALA B 232 25.00 -11.87 16.76
CA ALA B 232 24.44 -10.53 16.80
C ALA B 232 23.57 -10.35 15.60
N VAL B 233 22.71 -9.35 15.70
CA VAL B 233 21.75 -9.01 14.69
C VAL B 233 21.69 -7.51 14.66
N PHE B 234 21.61 -6.96 13.47
CA PHE B 234 21.52 -5.46 13.33
C PHE B 234 20.79 -5.04 12.06
N LEU B 235 20.34 -3.80 12.03
CA LEU B 235 19.54 -3.28 10.91
C LEU B 235 20.24 -2.11 10.24
N THR B 236 19.87 -1.83 9.00
CA THR B 236 20.51 -0.76 8.25
C THR B 236 19.45 0.06 7.51
N ASN B 237 19.63 1.37 7.53
CA ASN B 237 18.93 2.28 6.64
C ASN B 237 19.68 3.62 6.54
N SER B 238 19.23 4.49 5.64
CA SER B 238 20.01 5.70 5.31
C SER B 238 19.98 6.67 6.44
N LEU B 239 18.84 6.78 7.13
CA LEU B 239 18.73 7.78 8.21
C LEU B 239 19.41 7.37 9.49
N GLN B 240 19.34 6.10 9.85
CA GLN B 240 19.87 5.66 11.13
C GLN B 240 21.22 4.96 11.02
N GLY B 241 21.64 4.57 9.81
CA GLY B 241 22.83 3.77 9.62
C GLY B 241 22.58 2.41 10.24
N ILE B 242 23.53 1.94 11.02
CA ILE B 242 23.42 0.64 11.64
C ILE B 242 22.75 0.83 13.01
N ARG B 243 21.75 0.00 13.26
CA ARG B 243 21.01 -0.02 14.53
C ARG B 243 21.14 -1.43 15.10
N ARG B 244 21.60 -1.50 16.35
CA ARG B 244 21.81 -2.80 16.99
C ARG B 244 20.49 -3.36 17.43
N VAL B 245 20.37 -4.68 17.39
CA VAL B 245 19.14 -5.39 17.79
C VAL B 245 19.37 -6.12 19.11
N LEU B 246 18.55 -5.79 20.09
CA LEU B 246 18.59 -6.40 21.42
C LEU B 246 17.85 -7.71 21.46
N SER B 247 16.75 -7.81 20.73
CA SER B 247 15.91 -8.99 20.82
C SER B 247 14.97 -9.17 19.65
N LEU B 248 14.61 -10.44 19.40
CA LEU B 248 13.52 -10.81 18.48
C LEU B 248 12.57 -11.71 19.26
N ASP B 249 11.30 -11.29 19.42
CA ASP B 249 10.32 -12.06 20.20
C ASP B 249 10.91 -12.33 21.59
N ASN B 250 10.99 -13.58 22.00
CA ASN B 250 11.59 -13.91 23.29
C ASN B 250 13.05 -14.38 23.21
N ILE B 251 13.86 -13.67 22.43
CA ILE B 251 15.25 -14.07 22.26
C ILE B 251 16.09 -12.81 22.37
N ILE B 252 16.98 -12.79 23.36
CA ILE B 252 17.88 -11.68 23.64
CA ILE B 252 17.86 -11.66 23.60
C ILE B 252 19.22 -11.98 23.00
N PHE B 253 19.82 -10.99 22.34
CA PHE B 253 21.13 -11.09 21.75
C PHE B 253 22.14 -10.19 22.45
N GLU B 254 23.41 -10.60 22.40
CA GLU B 254 24.51 -9.68 22.64
C GLU B 254 24.48 -8.61 21.54
N VAL B 255 24.55 -7.33 21.95
CA VAL B 255 24.49 -6.21 21.02
C VAL B 255 25.83 -5.74 20.49
N ASN B 256 26.91 -6.17 21.13
CA ASN B 256 28.26 -5.75 20.71
C ASN B 256 28.95 -6.80 19.86
N HIS B 257 29.68 -6.32 18.85
CA HIS B 257 30.53 -7.15 18.03
C HIS B 257 31.53 -6.24 17.35
N PRO B 258 32.80 -6.66 17.30
CA PRO B 258 33.81 -5.83 16.61
C PRO B 258 33.49 -5.54 15.13
N ILE B 259 32.81 -6.49 14.47
CA ILE B 259 32.41 -6.29 13.08
C ILE B 259 31.45 -5.12 12.95
N ILE B 260 30.54 -5.00 13.89
CA ILE B 260 29.57 -3.89 13.91
C ILE B 260 30.32 -2.55 14.10
N ASP B 261 31.26 -2.48 15.03
CA ASP B 261 32.02 -1.23 15.21
C ASP B 261 32.83 -0.84 13.97
N LYS B 262 33.43 -1.82 13.32
CA LYS B 262 34.14 -1.58 12.07
C LYS B 262 33.21 -1.04 10.97
N LEU B 263 32.07 -1.69 10.80
CA LEU B 263 31.11 -1.25 9.77
C LEU B 263 30.55 0.16 10.04
N ILE B 264 30.26 0.48 11.31
CA ILE B 264 29.86 1.84 11.68
C ILE B 264 30.94 2.86 11.28
N PHE B 265 32.18 2.52 11.57
CA PHE B 265 33.28 3.40 11.22
C PHE B 265 33.33 3.62 9.72
N LEU B 266 33.27 2.54 8.94
CA LEU B 266 33.39 2.64 7.50
C LEU B 266 32.24 3.43 6.85
N LEU B 267 31.02 3.15 7.28
CA LEU B 267 29.85 3.89 6.77
C LEU B 267 30.01 5.37 7.09
N ASN B 268 30.55 5.67 8.27
CA ASN B 268 30.78 7.07 8.70
C ASN B 268 31.80 7.82 7.89
N GLN B 269 32.88 7.15 7.45
CA GLN B 269 33.90 7.85 6.70
CA GLN B 269 33.94 7.78 6.66
C GLN B 269 33.46 8.18 5.27
N ASP B 270 32.45 7.48 4.75
CA ASP B 270 32.05 7.67 3.36
C ASP B 270 31.47 9.05 3.10
N GLU B 271 32.17 9.79 2.22
CA GLU B 271 31.78 11.13 1.82
C GLU B 271 31.12 11.17 0.42
N SER B 272 30.67 10.02 -0.09
CA SER B 272 30.01 9.97 -1.42
C SER B 272 28.55 10.50 -1.35
#